data_4NI6
#
_entry.id   4NI6
#
_cell.length_a   48.864
_cell.length_b   28.978
_cell.length_c   49.313
_cell.angle_alpha   90.00
_cell.angle_beta   115.60
_cell.angle_gamma   90.00
#
_symmetry.space_group_name_H-M   'P 1 21 1'
#
loop_
_entity.id
_entity.type
_entity.pdbx_description
1 polymer 'Putative surface anchored protein'
2 water water
#
_entity_poly.entity_id   1
_entity_poly.type   'polypeptide(L)'
_entity_poly.pdbx_seq_one_letter_code
;MTLKTTVAADGVNGSSEKEALVSFENSKDGVDVKDTIDYKDLVANEKYNLTGKLMHVKDDGSLEEVATKTTEVTAVENGS
GQWELDFGNQKLQVGEKYVVFENAESVENLIDTDNNYELDTKQVVKHEDKNDKAQTLIVEKPLEHHHHHH
;
_entity_poly.pdbx_strand_id   A
#
# COMPACT_ATOMS: atom_id res chain seq x y z
N THR A 2 -0.26 -4.21 -13.72
CA THR A 2 0.02 -2.98 -12.92
C THR A 2 -0.74 -3.12 -11.61
N LEU A 3 -0.38 -2.29 -10.63
CA LEU A 3 -1.15 -2.10 -9.38
C LEU A 3 -1.71 -0.69 -9.28
N LYS A 4 -2.97 -0.60 -8.85
CA LYS A 4 -3.58 0.64 -8.34
C LYS A 4 -3.93 0.43 -6.88
N THR A 5 -3.84 1.47 -6.07
CA THR A 5 -4.07 1.33 -4.62
C THR A 5 -4.91 2.46 -4.06
N THR A 6 -5.70 2.11 -3.06
CA THR A 6 -6.51 3.07 -2.34
C THR A 6 -6.34 2.85 -0.84
N VAL A 7 -5.83 3.86 -0.15
CA VAL A 7 -5.73 3.80 1.31
C VAL A 7 -7.05 4.10 1.98
N ALA A 8 -7.26 3.51 3.15
CA ALA A 8 -8.37 3.90 4.02
C ALA A 8 -7.79 4.18 5.38
N ALA A 9 -8.18 5.33 5.93
CA ALA A 9 -7.71 5.77 7.24
C ALA A 9 -8.94 5.90 8.15
N ASP A 10 -9.08 4.97 9.08
CA ASP A 10 -10.32 4.87 9.86
C ASP A 10 -11.54 4.75 8.92
N GLY A 11 -11.40 4.02 7.82
CA GLY A 11 -12.52 3.76 6.94
C GLY A 11 -12.72 4.79 5.85
N VAL A 12 -12.01 5.92 5.96
CA VAL A 12 -12.12 7.04 5.02
C VAL A 12 -11.12 6.82 3.87
N ASN A 13 -11.62 6.73 2.63
CA ASN A 13 -10.79 6.36 1.49
C ASN A 13 -10.07 7.57 0.93
N GLY A 14 -8.86 7.35 0.43
CA GLY A 14 -8.22 8.34 -0.44
C GLY A 14 -8.85 8.25 -1.84
N SER A 15 -8.64 9.26 -2.68
CA SER A 15 -8.99 9.18 -4.11
C SER A 15 -7.90 9.91 -4.88
N SER A 16 -7.88 9.73 -6.20
CA SER A 16 -6.86 10.39 -7.01
CA SER A 16 -6.84 10.38 -6.99
C SER A 16 -6.82 11.91 -6.87
N GLU A 17 -7.95 12.50 -6.51
CA GLU A 17 -7.98 13.94 -6.35
C GLU A 17 -7.99 14.45 -4.92
N LYS A 18 -8.04 13.57 -3.92
CA LYS A 18 -8.13 14.04 -2.52
C LYS A 18 -7.61 12.99 -1.58
N GLU A 19 -6.59 13.35 -0.80
CA GLU A 19 -6.05 12.47 0.24
C GLU A 19 -7.14 12.09 1.25
N ALA A 20 -7.01 10.92 1.86
CA ALA A 20 -7.87 10.56 3.00
C ALA A 20 -7.56 11.48 4.17
N LEU A 21 -8.58 12.16 4.69
CA LEU A 21 -8.36 13.07 5.81
C LEU A 21 -8.78 12.44 7.14
N VAL A 22 -7.88 12.57 8.10
CA VAL A 22 -8.16 12.19 9.48
C VAL A 22 -8.26 13.46 10.33
N SER A 23 -9.41 13.67 10.97
CA SER A 23 -9.56 14.88 11.76
C SER A 23 -8.59 14.87 12.91
N PHE A 24 -8.38 16.05 13.46
CA PHE A 24 -7.54 16.20 14.63
C PHE A 24 -8.05 15.33 15.78
N GLU A 25 -9.34 15.40 16.09
N GLU A 25 -9.37 15.29 15.86
CA GLU A 25 -9.89 14.57 17.16
CA GLU A 25 -10.07 14.67 16.97
C GLU A 25 -9.78 13.05 16.89
C GLU A 25 -9.97 13.16 16.86
N ASN A 26 -10.02 12.66 15.64
CA ASN A 26 -10.00 11.24 15.26
CA ASN A 26 -10.01 11.22 15.42
C ASN A 26 -8.61 10.60 15.30
N SER A 27 -7.59 11.45 15.36
CA SER A 27 -6.22 11.00 15.48
C SER A 27 -5.81 10.56 16.88
N LYS A 28 -6.62 10.86 17.90
CA LYS A 28 -6.16 10.67 19.27
C LYS A 28 -5.55 9.29 19.57
N ASP A 29 -6.40 8.28 19.35
N ASP A 29 -6.34 8.24 19.38
CA ASP A 29 -6.12 6.87 19.63
CA ASP A 29 -5.91 6.87 19.78
C ASP A 29 -5.28 6.15 18.56
C ASP A 29 -5.24 6.14 18.59
N GLY A 30 -4.66 6.91 17.67
CA GLY A 30 -4.05 6.34 16.46
C GLY A 30 -5.06 6.30 15.33
N VAL A 31 -4.60 5.72 14.22
CA VAL A 31 -5.35 5.68 12.96
C VAL A 31 -5.22 4.26 12.42
N ASP A 32 -6.34 3.58 12.18
CA ASP A 32 -6.32 2.29 11.49
C ASP A 32 -6.09 2.48 10.01
N VAL A 33 -5.02 1.91 9.48
CA VAL A 33 -4.65 2.18 8.09
C VAL A 33 -4.70 0.87 7.32
N LYS A 34 -5.55 0.84 6.30
CA LYS A 34 -5.70 -0.33 5.44
C LYS A 34 -5.47 0.13 4.00
N ASP A 35 -5.13 -0.80 3.12
CA ASP A 35 -4.91 -0.46 1.72
C ASP A 35 -5.55 -1.52 0.84
N THR A 36 -6.28 -1.06 -0.15
CA THR A 36 -6.84 -1.95 -1.19
C THR A 36 -5.99 -1.89 -2.44
N ILE A 37 -5.65 -3.07 -2.99
CA ILE A 37 -4.75 -3.20 -4.15
C ILE A 37 -5.49 -3.86 -5.31
N ASP A 38 -5.76 -3.06 -6.33
CA ASP A 38 -6.31 -3.59 -7.58
C ASP A 38 -5.20 -3.92 -8.55
N TYR A 39 -5.10 -5.22 -8.91
CA TYR A 39 -4.03 -5.70 -9.75
C TYR A 39 -4.54 -6.23 -11.08
N LYS A 40 -3.69 -6.14 -12.09
CA LYS A 40 -3.95 -6.71 -13.41
C LYS A 40 -2.62 -7.11 -14.01
N ASP A 41 -2.71 -8.01 -14.99
CA ASP A 41 -1.54 -8.50 -15.70
C ASP A 41 -0.53 -9.26 -14.85
N LEU A 42 -1.05 -9.89 -13.80
CA LEU A 42 -0.31 -10.89 -13.07
C LEU A 42 -0.58 -12.27 -13.66
N VAL A 43 -0.03 -13.29 -13.05
CA VAL A 43 -0.21 -14.65 -13.58
C VAL A 43 -1.24 -15.38 -12.70
N ALA A 44 -2.34 -15.77 -13.32
CA ALA A 44 -3.39 -16.45 -12.61
C ALA A 44 -2.89 -17.61 -11.76
N ASN A 45 -3.41 -17.66 -10.53
CA ASN A 45 -3.21 -18.75 -9.59
C ASN A 45 -1.84 -18.78 -8.97
N GLU A 46 -1.00 -17.81 -9.31
CA GLU A 46 0.34 -17.75 -8.76
C GLU A 46 0.38 -16.95 -7.44
N LYS A 47 1.25 -17.36 -6.53
CA LYS A 47 1.46 -16.65 -5.26
CA LYS A 47 1.45 -16.65 -5.26
C LYS A 47 2.48 -15.53 -5.42
N TYR A 48 2.22 -14.45 -4.68
CA TYR A 48 3.09 -13.26 -4.63
C TYR A 48 3.34 -12.87 -3.18
N ASN A 49 4.56 -12.41 -2.91
CA ASN A 49 4.87 -11.75 -1.67
C ASN A 49 4.46 -10.27 -1.84
N LEU A 50 3.50 -9.81 -1.03
CA LEU A 50 3.04 -8.42 -1.10
C LEU A 50 3.61 -7.66 0.09
N THR A 51 4.48 -6.70 -0.20
CA THR A 51 4.99 -5.83 0.87
C THR A 51 4.40 -4.44 0.74
N GLY A 52 3.72 -4.01 1.80
CA GLY A 52 3.21 -2.64 1.90
C GLY A 52 3.98 -1.85 2.92
N LYS A 53 4.26 -0.61 2.55
CA LYS A 53 4.97 0.31 3.43
C LYS A 53 4.17 1.58 3.60
N LEU A 54 4.12 2.06 4.85
CA LEU A 54 3.51 3.36 5.14
C LEU A 54 4.66 4.35 5.35
N MET A 55 4.74 5.35 4.50
CA MET A 55 5.86 6.30 4.48
C MET A 55 5.39 7.68 4.92
N HIS A 56 6.12 8.27 5.86
CA HIS A 56 5.94 9.67 6.23
C HIS A 56 6.57 10.53 5.17
N VAL A 57 5.76 11.38 4.55
CA VAL A 57 6.21 12.29 3.49
C VAL A 57 6.54 13.65 4.07
N LYS A 58 7.81 14.04 4.01
CA LYS A 58 8.23 15.32 4.54
C LYS A 58 8.08 16.43 3.51
N ASP A 59 8.00 17.67 3.99
CA ASP A 59 7.84 18.82 3.10
C ASP A 59 8.92 18.84 2.01
N ASP A 60 10.13 18.43 2.38
CA ASP A 60 11.26 18.43 1.45
C ASP A 60 11.22 17.24 0.49
N GLY A 61 10.12 16.49 0.51
CA GLY A 61 9.93 15.38 -0.42
C GLY A 61 10.53 14.07 0.09
N SER A 62 11.34 14.14 1.13
CA SER A 62 11.97 12.93 1.66
C SER A 62 10.97 12.07 2.40
N LEU A 63 11.29 10.78 2.51
CA LEU A 63 10.40 9.79 3.10
C LEU A 63 11.07 9.16 4.31
N GLU A 64 10.26 8.78 5.28
CA GLU A 64 10.72 7.91 6.34
CA GLU A 64 10.72 7.93 6.38
C GLU A 64 9.68 6.85 6.63
N GLU A 65 10.13 5.61 6.65
CA GLU A 65 9.22 4.50 6.85
C GLU A 65 8.67 4.50 8.25
N VAL A 66 7.34 4.37 8.33
N VAL A 66 7.36 4.34 8.38
CA VAL A 66 6.60 4.30 9.59
CA VAL A 66 6.77 4.24 9.71
C VAL A 66 6.28 2.85 9.92
C VAL A 66 6.14 2.87 9.96
N ALA A 67 5.87 2.09 8.90
CA ALA A 67 5.38 0.72 9.09
C ALA A 67 5.66 -0.05 7.81
N THR A 68 5.82 -1.36 7.96
CA THR A 68 5.96 -2.27 6.83
C THR A 68 5.22 -3.55 7.20
N LYS A 69 4.60 -4.18 6.19
CA LYS A 69 3.94 -5.45 6.37
C LYS A 69 4.07 -6.26 5.12
N THR A 70 4.41 -7.53 5.29
CA THR A 70 4.45 -8.47 4.15
C THR A 70 3.51 -9.63 4.39
N THR A 71 2.70 -9.98 3.39
N THR A 71 2.86 -10.06 3.32
CA THR A 71 1.81 -11.15 3.46
CA THR A 71 1.91 -11.15 3.41
C THR A 71 1.93 -11.90 2.13
C THR A 71 1.91 -11.89 2.08
N GLU A 72 1.61 -13.19 2.13
CA GLU A 72 1.48 -13.93 0.88
CA GLU A 72 1.47 -13.97 0.89
C GLU A 72 0.07 -13.83 0.34
N VAL A 73 -0.02 -13.45 -0.92
CA VAL A 73 -1.30 -13.31 -1.61
C VAL A 73 -1.25 -14.16 -2.90
N THR A 74 -2.40 -14.38 -3.50
CA THR A 74 -2.43 -15.17 -4.72
C THR A 74 -3.27 -14.41 -5.73
N ALA A 75 -2.81 -14.41 -6.99
CA ALA A 75 -3.59 -13.81 -8.06
C ALA A 75 -4.70 -14.79 -8.43
N VAL A 76 -5.87 -14.28 -8.74
CA VAL A 76 -7.00 -15.13 -9.12
C VAL A 76 -7.13 -15.18 -10.65
N GLU A 77 -8.35 -15.35 -11.16
CA GLU A 77 -8.63 -15.59 -12.58
C GLU A 77 -8.08 -14.48 -13.48
N ASN A 78 -7.41 -14.89 -14.56
CA ASN A 78 -6.86 -13.96 -15.53
C ASN A 78 -5.84 -13.00 -14.94
N GLY A 79 -5.35 -13.31 -13.73
CA GLY A 79 -4.28 -12.49 -13.17
C GLY A 79 -4.72 -11.08 -12.81
N SER A 80 -6.02 -10.91 -12.60
CA SER A 80 -6.56 -9.62 -12.18
C SER A 80 -7.58 -9.75 -11.08
N GLY A 81 -7.63 -8.78 -10.17
CA GLY A 81 -8.46 -8.89 -8.99
C GLY A 81 -8.06 -7.86 -7.96
N GLN A 82 -8.43 -8.11 -6.71
CA GLN A 82 -8.21 -7.18 -5.60
C GLN A 82 -7.60 -7.92 -4.42
N TRP A 83 -6.66 -7.25 -3.74
CA TRP A 83 -6.15 -7.70 -2.46
C TRP A 83 -6.37 -6.59 -1.44
N GLU A 84 -6.24 -6.95 -0.17
CA GLU A 84 -6.22 -6.00 0.94
C GLU A 84 -5.00 -6.23 1.79
N LEU A 85 -4.53 -5.15 2.43
N LEU A 85 -4.52 -5.15 2.42
CA LEU A 85 -3.38 -5.20 3.33
CA LEU A 85 -3.43 -5.26 3.38
C LEU A 85 -3.65 -4.27 4.51
C LEU A 85 -3.80 -4.32 4.50
N ASP A 86 -3.70 -4.82 5.72
CA ASP A 86 -4.14 -4.07 6.90
C ASP A 86 -2.91 -3.80 7.77
N PHE A 87 -2.56 -2.52 7.93
CA PHE A 87 -1.44 -2.15 8.79
C PHE A 87 -1.83 -2.12 10.26
N GLY A 88 -3.13 -2.22 10.55
CA GLY A 88 -3.63 -2.06 11.91
C GLY A 88 -3.54 -0.63 12.40
N ASN A 89 -3.62 -0.50 13.70
CA ASN A 89 -3.58 0.81 14.36
C ASN A 89 -2.19 1.42 14.31
N GLN A 90 -2.12 2.66 13.81
CA GLN A 90 -0.85 3.36 13.69
C GLN A 90 -0.93 4.66 14.45
N LYS A 91 0.11 4.93 15.22
CA LYS A 91 0.09 6.14 16.02
C LYS A 91 0.77 7.30 15.27
N LEU A 92 0.01 7.90 14.36
CA LEU A 92 0.48 8.93 13.42
C LEU A 92 0.50 10.36 14.00
N GLN A 93 1.30 11.23 13.38
CA GLN A 93 1.56 12.57 13.94
C GLN A 93 0.54 13.55 13.36
N VAL A 94 -0.08 14.33 14.24
CA VAL A 94 -0.98 15.40 13.81
C VAL A 94 -0.24 16.38 12.93
N GLY A 95 -0.87 16.75 11.81
CA GLY A 95 -0.26 17.67 10.87
C GLY A 95 0.52 17.02 9.74
N GLU A 96 0.77 15.71 9.82
CA GLU A 96 1.64 15.06 8.86
C GLU A 96 0.91 14.24 7.82
N LYS A 97 1.64 14.03 6.73
CA LYS A 97 1.17 13.32 5.55
C LYS A 97 1.90 12.01 5.39
N TYR A 98 1.13 10.96 5.07
CA TYR A 98 1.66 9.60 4.90
C TYR A 98 1.14 9.00 3.62
N VAL A 99 1.96 8.17 2.98
CA VAL A 99 1.58 7.49 1.73
C VAL A 99 1.92 6.00 1.79
N VAL A 100 1.04 5.23 1.18
CA VAL A 100 1.24 3.77 1.09
C VAL A 100 1.91 3.36 -0.21
N PHE A 101 3.00 2.62 -0.07
CA PHE A 101 3.68 1.96 -1.19
C PHE A 101 3.32 0.46 -1.17
N GLU A 102 3.25 -0.17 -2.37
CA GLU A 102 3.00 -1.62 -2.47
C GLU A 102 3.93 -2.23 -3.52
N ASN A 103 4.47 -3.39 -3.18
CA ASN A 103 5.35 -4.14 -4.06
C ASN A 103 4.92 -5.60 -4.02
N ALA A 104 4.59 -6.14 -5.20
CA ALA A 104 4.21 -7.57 -5.32
C ALA A 104 5.29 -8.28 -6.12
N GLU A 105 5.87 -9.30 -5.51
CA GLU A 105 6.92 -10.08 -6.16
C GLU A 105 6.47 -11.54 -6.22
N SER A 106 6.50 -12.16 -7.41
CA SER A 106 6.05 -13.55 -7.46
C SER A 106 6.96 -14.47 -6.65
N VAL A 107 6.38 -15.54 -6.11
CA VAL A 107 7.15 -16.53 -5.37
C VAL A 107 8.01 -17.37 -6.33
N GLU A 108 7.43 -17.72 -7.48
CA GLU A 108 8.10 -18.52 -8.50
CA GLU A 108 8.11 -18.52 -8.50
C GLU A 108 8.74 -17.62 -9.56
N ASN A 109 9.74 -18.17 -10.27
CA ASN A 109 10.23 -17.52 -11.46
C ASN A 109 9.16 -17.57 -12.55
N LEU A 110 8.84 -16.42 -13.14
CA LEU A 110 7.78 -16.33 -14.13
C LEU A 110 8.24 -15.63 -15.42
N ILE A 111 9.49 -15.15 -15.43
CA ILE A 111 10.05 -14.36 -16.55
C ILE A 111 11.48 -14.82 -16.88
N ASP A 112 11.83 -14.82 -18.17
CA ASP A 112 13.22 -15.10 -18.58
C ASP A 112 13.98 -13.80 -18.84
N ASN A 116 18.85 -18.00 -21.04
CA ASN A 116 19.52 -19.24 -20.65
C ASN A 116 18.57 -20.43 -20.56
N TYR A 117 17.51 -20.37 -21.36
CA TYR A 117 16.68 -21.53 -21.63
C TYR A 117 15.82 -21.98 -20.45
N GLU A 118 15.51 -21.05 -19.55
CA GLU A 118 14.58 -21.30 -18.45
C GLU A 118 14.10 -19.98 -17.85
N LEU A 119 12.97 -20.03 -17.14
CA LEU A 119 12.53 -18.86 -16.41
C LEU A 119 13.53 -18.66 -15.28
N ASP A 120 13.93 -17.41 -15.04
CA ASP A 120 15.02 -17.16 -14.09
C ASP A 120 14.76 -15.95 -13.20
N THR A 121 13.59 -15.32 -13.36
CA THR A 121 13.31 -14.02 -12.74
C THR A 121 11.88 -14.01 -12.24
N LYS A 122 11.69 -13.43 -11.05
N LYS A 122 11.70 -13.43 -11.06
CA LYS A 122 10.37 -13.23 -10.44
CA LYS A 122 10.38 -13.15 -10.52
C LYS A 122 9.69 -12.00 -11.08
C LYS A 122 9.70 -12.06 -11.35
N GLN A 123 8.39 -12.09 -11.33
CA GLN A 123 7.60 -10.93 -11.76
C GLN A 123 7.45 -9.96 -10.59
N VAL A 124 7.88 -8.71 -10.78
CA VAL A 124 7.73 -7.66 -9.75
C VAL A 124 6.84 -6.62 -10.38
N VAL A 125 5.78 -6.27 -9.65
CA VAL A 125 4.89 -5.20 -10.04
C VAL A 125 4.66 -4.34 -8.80
N LYS A 126 4.85 -3.05 -8.96
CA LYS A 126 4.84 -2.18 -7.80
C LYS A 126 4.10 -0.89 -8.02
N HIS A 127 3.72 -0.22 -6.94
CA HIS A 127 3.15 1.11 -7.02
C HIS A 127 3.63 1.90 -5.82
N GLU A 128 4.71 2.64 -6.06
CA GLU A 128 5.45 3.34 -5.03
C GLU A 128 5.56 4.82 -5.39
N ASP A 129 4.43 5.52 -5.36
CA ASP A 129 4.32 6.88 -5.86
C ASP A 129 3.91 7.81 -4.73
N LYS A 130 4.86 8.61 -4.26
CA LYS A 130 4.61 9.51 -3.15
C LYS A 130 3.68 10.67 -3.49
N ASN A 131 3.34 10.82 -4.77
CA ASN A 131 2.42 11.84 -5.23
C ASN A 131 1.00 11.32 -5.49
N ASP A 132 0.76 10.02 -5.28
CA ASP A 132 -0.56 9.47 -5.56
C ASP A 132 -1.52 9.72 -4.39
N LYS A 133 -2.44 10.67 -4.57
CA LYS A 133 -3.36 11.02 -3.49
C LYS A 133 -4.24 9.87 -3.04
N ALA A 134 -4.51 8.92 -3.96
CA ALA A 134 -5.37 7.81 -3.58
C ALA A 134 -4.72 6.95 -2.49
N GLN A 135 -3.40 6.97 -2.42
CA GLN A 135 -2.61 6.21 -1.47
C GLN A 135 -2.22 7.00 -0.23
N THR A 136 -2.69 8.27 -0.16
CA THR A 136 -2.20 9.23 0.81
C THR A 136 -3.27 9.58 1.85
N LEU A 137 -2.81 9.76 3.11
CA LEU A 137 -3.65 10.30 4.16
C LEU A 137 -2.95 11.51 4.76
N ILE A 138 -3.76 12.43 5.30
CA ILE A 138 -3.24 13.59 6.04
C ILE A 138 -3.96 13.68 7.38
N VAL A 139 -3.18 13.77 8.47
CA VAL A 139 -3.80 14.00 9.79
C VAL A 139 -3.93 15.47 10.10
N GLU A 140 -5.18 15.93 10.06
CA GLU A 140 -5.46 17.37 10.11
C GLU A 140 -5.00 18.05 11.41
N LYS A 141 -4.53 19.30 11.30
CA LYS A 141 -4.20 20.15 12.45
C LYS A 141 -5.45 20.77 13.10
N PRO A 142 -5.34 21.17 14.39
CA PRO A 142 -6.53 21.59 15.15
C PRO A 142 -7.23 22.77 14.48
#